data_7IAW
#
_entry.id   7IAW
#
_cell.length_a   60.220
_cell.length_b   60.220
_cell.length_c   214.540
_cell.angle_alpha   90.00
_cell.angle_beta   90.00
_cell.angle_gamma   90.00
#
_symmetry.space_group_name_H-M   'P 43 21 2'
#
loop_
_entity.id
_entity.type
_entity.pdbx_description
1 polymer 'NS2B co-factor'
2 polymer 'NS3 protease'
3 non-polymer 1-(quinolin-3-yl)methanamine
4 water water
#
loop_
_entity_poly.entity_id
_entity_poly.type
_entity_poly.pdbx_seq_one_letter_code
_entity_poly.pdbx_strand_id
1 'polypeptide(L)' MTGKSVDMYIERAGDITWEKDAEVTGNSPRLDVALDESGDFSLVEEDGPPMRE A,C
2 'polypeptide(L)'
;GALWDVPAPKEVKKGETTDGVYRVMTRRLLGSTQVGVGVMQEGVFHTMWHVTKGAALRSGEGRLDPYWGDVKQDLVSYCG
PWKLDAAWDGLSEVQLLAVPPGERAKNIQTLPGIFKTKDGDIGAVALDYPAGTSGSPILDKSGRVIGLYGNGVVIKNGSY
VSAITQGKREEETPVE
;
B,D
#
# COMPACT_ATOMS: atom_id res chain seq x y z
N ASP A 7 -5.77 9.09 -19.20
CA ASP A 7 -6.93 9.81 -18.69
C ASP A 7 -7.34 9.36 -17.29
N MET A 8 -7.98 10.27 -16.58
CA MET A 8 -8.22 10.13 -15.16
C MET A 8 -9.72 9.88 -14.96
N TYR A 9 -10.06 8.89 -14.14
CA TYR A 9 -11.45 8.48 -13.96
C TYR A 9 -11.68 8.06 -12.51
N ILE A 10 -12.95 8.01 -12.10
CA ILE A 10 -13.29 7.73 -10.71
C ILE A 10 -14.16 6.48 -10.64
N GLU A 11 -14.01 5.76 -9.52
CA GLU A 11 -14.72 4.51 -9.25
C GLU A 11 -15.17 4.56 -7.79
N ARG A 12 -16.46 4.34 -7.54
CA ARG A 12 -16.96 4.35 -6.17
C ARG A 12 -16.35 3.21 -5.36
N ALA A 13 -15.94 3.53 -4.13
CA ALA A 13 -15.32 2.56 -3.25
C ALA A 13 -16.06 2.36 -1.94
N GLY A 14 -17.01 3.21 -1.58
CA GLY A 14 -17.75 2.95 -0.37
C GLY A 14 -18.57 4.13 0.07
N ASP A 15 -19.36 3.89 1.12
CA ASP A 15 -20.08 4.94 1.84
C ASP A 15 -19.13 5.69 2.75
N ILE A 16 -19.50 6.92 3.05
CA ILE A 16 -18.82 7.70 4.08
C ILE A 16 -19.54 7.45 5.39
N THR A 17 -18.98 6.53 6.18
N THR A 17 -19.00 6.51 6.18
CA THR A 17 -19.59 6.10 7.41
CA THR A 17 -19.62 6.11 7.42
C THR A 17 -18.50 5.82 8.44
C THR A 17 -18.52 5.82 8.43
N TRP A 18 -18.83 6.10 9.70
CA TRP A 18 -18.01 5.67 10.82
C TRP A 18 -18.25 4.20 11.07
N GLU A 19 -17.19 3.46 11.41
CA GLU A 19 -17.28 2.03 11.68
C GLU A 19 -16.95 1.74 13.15
N LYS A 20 -17.90 1.16 13.88
CA LYS A 20 -17.72 0.94 15.30
C LYS A 20 -16.57 -0.02 15.61
N ASP A 21 -16.26 -0.93 14.68
CA ASP A 21 -15.24 -1.96 14.90
C ASP A 21 -13.92 -1.64 14.23
N ALA A 22 -13.61 -0.36 14.06
CA ALA A 22 -12.39 0.02 13.34
C ALA A 22 -11.14 -0.33 14.14
N GLU A 23 -10.10 -0.76 13.41
CA GLU A 23 -8.75 -0.79 13.95
C GLU A 23 -8.39 0.60 14.46
N VAL A 24 -7.65 0.64 15.57
CA VAL A 24 -7.27 1.88 16.21
C VAL A 24 -5.75 1.93 16.29
N THR A 25 -5.14 3.03 15.82
CA THR A 25 -3.68 3.11 15.84
C THR A 25 -3.21 4.54 15.65
N GLY A 26 -1.93 4.74 15.90
CA GLY A 26 -1.27 5.99 15.61
C GLY A 26 -1.13 6.88 16.83
N ASN A 27 -0.03 7.61 16.88
N ASN A 27 -0.12 7.74 16.78
CA ASN A 27 0.20 8.53 17.99
CA ASN A 27 0.19 8.71 17.82
C ASN A 27 -0.33 9.91 17.63
C ASN A 27 -0.54 10.03 17.57
N SER A 28 -0.18 10.88 18.54
N SER A 28 -0.29 11.00 18.44
CA SER A 28 -0.80 12.20 18.43
CA SER A 28 -0.89 12.34 18.35
C SER A 28 0.25 13.29 18.66
C SER A 28 0.18 13.39 18.60
N PRO A 29 1.16 13.49 17.71
CA PRO A 29 2.26 14.44 17.93
C PRO A 29 1.81 15.89 17.79
N ARG A 30 2.50 16.76 18.53
CA ARG A 30 2.29 18.21 18.46
C ARG A 30 3.54 18.78 17.81
N LEU A 31 3.37 19.41 16.66
CA LEU A 31 4.48 19.79 15.81
C LEU A 31 4.29 21.25 15.41
N ASP A 32 5.36 22.01 15.44
CA ASP A 32 5.36 23.36 14.91
C ASP A 32 5.71 23.30 13.43
N VAL A 33 4.86 23.90 12.58
CA VAL A 33 5.04 23.80 11.14
C VAL A 33 4.75 25.14 10.49
N ALA A 34 5.26 25.28 9.27
CA ALA A 34 4.99 26.42 8.41
C ALA A 34 4.44 25.89 7.09
N LEU A 35 3.54 26.65 6.49
CA LEU A 35 2.89 26.30 5.23
C LEU A 35 3.31 27.36 4.22
N ASP A 36 4.00 26.94 3.16
CA ASP A 36 4.49 27.89 2.17
C ASP A 36 3.50 28.04 1.01
N GLU A 37 3.87 28.91 0.08
CA GLU A 37 2.93 29.29 -0.97
C GLU A 37 2.60 28.09 -1.86
N SER A 38 3.51 27.13 -1.98
CA SER A 38 3.28 25.94 -2.80
C SER A 38 2.45 24.88 -2.09
N GLY A 39 1.94 25.17 -0.90
CA GLY A 39 1.15 24.22 -0.18
C GLY A 39 1.96 23.20 0.56
N ASP A 40 3.27 23.42 0.71
CA ASP A 40 4.11 22.43 1.38
C ASP A 40 4.28 22.82 2.84
N PHE A 41 4.08 21.85 3.73
CA PHE A 41 4.35 22.04 5.14
C PHE A 41 5.81 21.69 5.41
N SER A 42 6.43 22.44 6.32
CA SER A 42 7.78 22.16 6.79
C SER A 42 7.80 22.36 8.31
N LEU A 43 8.73 21.67 8.96
CA LEU A 43 8.93 21.84 10.39
C LEU A 43 9.60 23.18 10.66
N VAL A 44 9.23 23.77 11.79
CA VAL A 44 9.83 24.98 12.31
C VAL A 44 10.37 24.69 13.70
N GLU A 45 11.51 25.29 14.02
CA GLU A 45 12.07 25.29 15.37
C GLU A 45 12.30 26.74 15.82
N THR B 17 -22.44 10.12 -9.61
CA THR B 17 -22.75 11.32 -8.85
C THR B 17 -23.18 10.98 -7.42
N THR B 18 -23.32 9.68 -7.16
CA THR B 18 -23.76 9.21 -5.87
C THR B 18 -22.78 9.59 -4.78
N ASP B 19 -23.30 10.02 -3.64
CA ASP B 19 -22.46 10.29 -2.50
C ASP B 19 -21.59 9.08 -2.20
N GLY B 20 -20.39 9.33 -1.74
CA GLY B 20 -19.50 8.25 -1.35
C GLY B 20 -18.05 8.64 -1.49
N VAL B 21 -17.19 7.68 -1.15
CA VAL B 21 -15.76 7.80 -1.36
C VAL B 21 -15.39 7.06 -2.63
N TYR B 22 -14.50 7.65 -3.42
CA TYR B 22 -14.15 7.14 -4.74
C TYR B 22 -12.64 7.05 -4.91
N ARG B 23 -12.19 6.04 -5.66
CA ARG B 23 -10.82 6.01 -6.14
C ARG B 23 -10.67 6.92 -7.36
N VAL B 24 -9.53 7.59 -7.43
CA VAL B 24 -9.11 8.35 -8.60
C VAL B 24 -8.02 7.54 -9.30
N MET B 25 -8.31 7.12 -10.53
CA MET B 25 -7.53 6.19 -11.33
C MET B 25 -6.98 6.91 -12.55
N THR B 26 -5.83 6.45 -13.06
N THR B 26 -5.86 6.42 -13.07
CA THR B 26 -5.28 6.92 -14.32
CA THR B 26 -5.33 6.93 -14.33
C THR B 26 -4.89 5.74 -15.19
C THR B 26 -4.86 5.76 -15.19
N ARG B 27 -4.97 5.94 -16.50
CA ARG B 27 -4.32 5.06 -17.47
C ARG B 27 -3.41 5.94 -18.34
N LEU B 30 -0.03 2.07 -19.40
CA LEU B 30 -0.77 1.04 -20.13
C LEU B 30 -1.91 0.54 -19.26
N GLY B 31 -1.52 -0.07 -18.14
CA GLY B 31 -2.47 -0.48 -17.13
C GLY B 31 -3.00 0.68 -16.32
N SER B 32 -3.77 0.33 -15.31
CA SER B 32 -4.41 1.33 -14.47
C SER B 32 -3.67 1.43 -13.14
N THR B 33 -3.62 2.63 -12.61
CA THR B 33 -2.96 2.91 -11.35
C THR B 33 -3.89 3.84 -10.58
N GLN B 34 -3.93 3.68 -9.27
CA GLN B 34 -4.70 4.57 -8.41
C GLN B 34 -3.79 5.72 -7.97
N VAL B 35 -4.16 6.94 -8.35
CA VAL B 35 -3.40 8.11 -7.94
C VAL B 35 -3.95 8.80 -6.70
N GLY B 36 -5.20 8.56 -6.33
CA GLY B 36 -5.72 9.14 -5.12
C GLY B 36 -7.15 8.72 -4.89
N VAL B 37 -7.82 9.53 -4.06
CA VAL B 37 -9.16 9.26 -3.54
C VAL B 37 -9.86 10.60 -3.45
N GLY B 38 -11.19 10.55 -3.44
CA GLY B 38 -11.95 11.77 -3.16
C GLY B 38 -13.35 11.47 -2.66
N VAL B 39 -14.07 12.54 -2.34
CA VAL B 39 -15.37 12.47 -1.69
C VAL B 39 -16.40 13.13 -2.60
N MET B 40 -17.46 12.39 -2.93
CA MET B 40 -18.65 12.94 -3.58
C MET B 40 -19.65 13.29 -2.48
N GLN B 41 -20.04 14.56 -2.42
CA GLN B 41 -21.10 14.97 -1.51
C GLN B 41 -21.85 16.13 -2.14
N GLU B 42 -23.18 16.05 -2.09
CA GLU B 42 -24.04 17.13 -2.60
C GLU B 42 -23.72 17.46 -4.05
N GLY B 43 -23.40 16.43 -4.83
CA GLY B 43 -23.15 16.61 -6.25
C GLY B 43 -21.80 17.16 -6.62
N VAL B 44 -20.90 17.30 -5.66
CA VAL B 44 -19.58 17.88 -5.86
C VAL B 44 -18.54 16.86 -5.47
N PHE B 45 -17.50 16.74 -6.29
CA PHE B 45 -16.38 15.86 -6.01
C PHE B 45 -15.24 16.67 -5.43
N HIS B 46 -14.70 16.20 -4.32
CA HIS B 46 -13.68 16.86 -3.53
C HIS B 46 -12.44 15.98 -3.48
N THR B 47 -11.29 16.55 -3.82
CA THR B 47 -10.02 15.81 -3.70
C THR B 47 -8.90 16.81 -3.45
N MET B 48 -7.67 16.30 -3.39
CA MET B 48 -6.51 17.16 -3.18
C MET B 48 -5.94 17.57 -4.52
N TRP B 49 -5.52 18.83 -4.61
CA TRP B 49 -4.98 19.33 -5.86
C TRP B 49 -3.84 18.46 -6.38
N HIS B 50 -2.93 18.03 -5.52
CA HIS B 50 -1.78 17.25 -5.97
C HIS B 50 -2.17 15.92 -6.58
N VAL B 51 -3.39 15.44 -6.31
CA VAL B 51 -3.84 14.18 -6.89
C VAL B 51 -4.15 14.35 -8.38
N THR B 52 -4.96 15.38 -8.73
CA THR B 52 -5.40 15.54 -10.11
C THR B 52 -4.73 16.69 -10.85
N LYS B 53 -4.08 17.59 -10.13
CA LYS B 53 -3.52 18.81 -10.72
C LYS B 53 -4.58 19.58 -11.48
N GLY B 54 -5.84 19.40 -11.07
CA GLY B 54 -6.96 20.10 -11.67
C GLY B 54 -7.48 19.53 -12.97
N ALA B 55 -7.00 18.36 -13.39
CA ALA B 55 -7.46 17.76 -14.62
C ALA B 55 -8.93 17.36 -14.56
N ALA B 56 -9.59 17.38 -15.72
CA ALA B 56 -10.95 16.86 -15.78
C ALA B 56 -10.94 15.37 -15.46
N LEU B 57 -12.06 14.88 -14.92
CA LEU B 57 -12.22 13.51 -14.50
C LEU B 57 -13.39 12.86 -15.23
N ARG B 58 -13.23 11.59 -15.57
CA ARG B 58 -14.31 10.82 -16.16
C ARG B 58 -15.04 10.09 -15.04
N SER B 59 -16.36 10.01 -15.14
CA SER B 59 -17.19 9.23 -14.22
C SER B 59 -18.16 8.47 -15.13
N GLY B 60 -17.79 7.25 -15.47
CA GLY B 60 -18.60 6.52 -16.42
C GLY B 60 -18.48 7.16 -17.78
N GLU B 61 -19.63 7.47 -18.38
CA GLU B 61 -19.70 8.15 -19.66
C GLU B 61 -19.67 9.66 -19.51
N GLY B 62 -19.69 10.18 -18.29
CA GLY B 62 -19.74 11.60 -18.05
C GLY B 62 -18.38 12.17 -17.69
N ARG B 63 -18.32 13.50 -17.72
CA ARG B 63 -17.10 14.23 -17.40
C ARG B 63 -17.36 15.17 -16.24
N LEU B 64 -16.41 15.25 -15.33
CA LEU B 64 -16.47 16.18 -14.20
C LEU B 64 -15.39 17.23 -14.43
N ASP B 65 -15.80 18.50 -14.43
CA ASP B 65 -14.84 19.58 -14.62
C ASP B 65 -14.56 20.31 -13.31
N PRO B 66 -13.31 20.78 -13.15
CA PRO B 66 -12.96 21.50 -11.92
C PRO B 66 -13.71 22.81 -11.85
N TYR B 67 -14.07 23.18 -10.64
CA TYR B 67 -14.87 24.35 -10.35
C TYR B 67 -14.14 25.33 -9.46
N TRP B 68 -13.44 24.86 -8.46
CA TRP B 68 -12.68 25.68 -7.54
C TRP B 68 -11.42 24.90 -7.19
N GLY B 69 -10.31 25.60 -7.01
CA GLY B 69 -9.13 24.94 -6.51
C GLY B 69 -8.12 25.94 -6.01
N ASP B 70 -7.20 25.43 -5.20
CA ASP B 70 -6.22 26.29 -4.52
C ASP B 70 -5.00 25.44 -4.17
N VAL B 71 -3.88 25.76 -4.79
CA VAL B 71 -2.63 25.02 -4.57
C VAL B 71 -2.17 25.11 -3.12
N LYS B 72 -2.30 26.27 -2.48
CA LYS B 72 -1.79 26.38 -1.11
C LYS B 72 -2.57 25.51 -0.14
N GLN B 73 -3.88 25.44 -0.28
CA GLN B 73 -4.68 24.55 0.53
C GLN B 73 -4.57 23.12 0.06
N ASP B 74 -4.05 22.92 -1.15
CA ASP B 74 -3.95 21.61 -1.78
C ASP B 74 -5.31 20.94 -1.98
N LEU B 75 -6.32 21.71 -2.41
CA LEU B 75 -7.67 21.21 -2.57
C LEU B 75 -8.23 21.60 -3.92
N VAL B 76 -9.19 20.81 -4.38
CA VAL B 76 -9.94 21.09 -5.61
C VAL B 76 -11.32 20.48 -5.49
N SER B 77 -12.31 21.17 -6.03
CA SER B 77 -13.66 20.66 -6.15
C SER B 77 -14.11 20.65 -7.61
N TYR B 78 -14.97 19.69 -7.95
CA TYR B 78 -15.49 19.48 -9.28
C TYR B 78 -17.02 19.59 -9.24
N CYS B 79 -17.59 20.24 -10.24
CA CYS B 79 -19.02 20.37 -10.49
C CYS B 79 -19.71 21.42 -9.64
N GLY B 80 -19.04 21.99 -8.66
CA GLY B 80 -19.61 22.99 -7.81
C GLY B 80 -18.63 23.37 -6.73
N PRO B 81 -19.04 24.25 -5.84
CA PRO B 81 -18.14 24.74 -4.80
C PRO B 81 -17.94 23.71 -3.70
N TRP B 82 -16.85 23.89 -2.97
CA TRP B 82 -16.51 23.01 -1.85
C TRP B 82 -17.64 22.96 -0.83
N LYS B 83 -18.08 21.73 -0.50
CA LYS B 83 -19.23 21.52 0.37
C LYS B 83 -18.88 21.09 1.78
N LEU B 84 -17.66 20.59 2.03
CA LEU B 84 -17.32 19.97 3.30
C LEU B 84 -16.89 21.04 4.29
N ASP B 85 -17.54 21.07 5.46
CA ASP B 85 -17.24 22.13 6.40
C ASP B 85 -17.06 21.70 7.85
N ALA B 86 -17.29 20.44 8.20
CA ALA B 86 -17.07 20.05 9.58
C ALA B 86 -15.60 20.15 9.93
N ALA B 87 -15.32 20.37 11.21
CA ALA B 87 -13.96 20.46 11.71
C ALA B 87 -13.76 19.59 12.95
N TRP B 88 -12.53 19.10 13.09
CA TRP B 88 -12.18 18.35 14.30
C TRP B 88 -12.47 19.18 15.52
N ASP B 89 -13.04 18.54 16.53
CA ASP B 89 -13.37 19.20 17.79
C ASP B 89 -12.18 19.37 18.73
N GLY B 90 -11.00 18.87 18.35
CA GLY B 90 -9.80 19.06 19.17
C GLY B 90 -9.62 18.09 20.31
N LEU B 91 -10.56 17.17 20.55
CA LEU B 91 -10.49 16.28 21.70
C LEU B 91 -10.79 14.82 21.37
N SER B 92 -11.63 14.59 20.37
CA SER B 92 -12.18 13.28 20.10
C SER B 92 -11.33 12.52 19.08
N GLU B 93 -11.36 11.20 19.19
CA GLU B 93 -10.84 10.37 18.12
C GLU B 93 -11.63 10.58 16.83
N VAL B 94 -10.97 10.33 15.72
CA VAL B 94 -11.51 10.46 14.38
C VAL B 94 -11.24 9.16 13.65
N GLN B 95 -11.75 9.04 12.43
CA GLN B 95 -11.47 7.88 11.60
C GLN B 95 -11.01 8.31 10.23
N LEU B 96 -9.85 7.80 9.82
CA LEU B 96 -9.43 7.85 8.43
C LEU B 96 -10.16 6.76 7.67
N LEU B 97 -10.97 7.15 6.69
CA LEU B 97 -11.61 6.20 5.77
C LEU B 97 -10.63 6.03 4.61
N ALA B 98 -9.65 5.16 4.82
CA ALA B 98 -8.60 4.93 3.85
C ALA B 98 -9.09 4.04 2.72
N VAL B 99 -8.75 4.42 1.50
CA VAL B 99 -9.08 3.61 0.33
C VAL B 99 -7.74 3.31 -0.35
N PRO B 100 -6.99 2.33 0.13
CA PRO B 100 -5.66 2.10 -0.45
C PRO B 100 -5.77 1.42 -1.80
N PRO B 101 -4.80 1.65 -2.69
CA PRO B 101 -4.80 0.94 -3.98
C PRO B 101 -4.93 -0.57 -3.77
N GLY B 102 -5.85 -1.18 -4.51
CA GLY B 102 -6.01 -2.63 -4.52
C GLY B 102 -6.64 -3.24 -3.30
N GLU B 103 -7.16 -2.44 -2.38
CA GLU B 103 -7.75 -2.93 -1.14
C GLU B 103 -9.10 -2.27 -0.94
N ARG B 104 -9.99 -2.95 -0.23
CA ARG B 104 -11.28 -2.34 0.06
C ARG B 104 -11.14 -1.17 1.04
N ALA B 105 -12.06 -0.23 0.95
CA ALA B 105 -12.13 0.88 1.87
C ALA B 105 -12.17 0.36 3.30
N LYS B 106 -11.43 1.02 4.18
CA LYS B 106 -11.35 0.58 5.57
C LYS B 106 -11.20 1.77 6.49
N ASN B 107 -11.70 1.64 7.70
CA ASN B 107 -11.69 2.72 8.67
C ASN B 107 -10.58 2.49 9.70
N ILE B 108 -9.78 3.53 9.92
CA ILE B 108 -8.70 3.51 10.90
C ILE B 108 -8.97 4.62 11.90
N GLN B 109 -9.17 4.27 13.15
CA GLN B 109 -9.47 5.24 14.20
C GLN B 109 -8.17 5.72 14.86
N THR B 110 -8.14 7.00 15.23
CA THR B 110 -6.94 7.60 15.81
C THR B 110 -7.33 8.87 16.55
N LEU B 111 -6.49 9.25 17.54
CA LEU B 111 -6.57 10.59 18.09
C LEU B 111 -5.62 11.51 17.33
N PRO B 112 -6.11 12.56 16.68
CA PRO B 112 -5.18 13.47 16.00
C PRO B 112 -4.20 14.14 16.96
N GLY B 113 -3.00 14.38 16.45
CA GLY B 113 -2.11 15.39 16.98
C GLY B 113 -2.46 16.75 16.38
N ILE B 114 -1.49 17.67 16.45
CA ILE B 114 -1.74 19.06 16.06
C ILE B 114 -0.56 19.58 15.27
N PHE B 115 -0.83 20.25 14.15
CA PHE B 115 0.11 21.17 13.52
C PHE B 115 -0.14 22.56 14.11
N LYS B 116 0.85 23.10 14.80
CA LYS B 116 0.76 24.46 15.31
C LYS B 116 1.40 25.39 14.29
N THR B 117 0.66 26.36 13.81
CA THR B 117 1.18 27.28 12.81
C THR B 117 0.96 28.70 13.28
N LYS B 118 1.63 29.63 12.60
CA LYS B 118 1.48 31.05 12.92
C LYS B 118 0.04 31.52 12.76
N ASP B 119 -0.77 30.77 12.02
CA ASP B 119 -2.14 31.16 11.70
C ASP B 119 -3.17 30.30 12.42
N GLY B 120 -2.75 29.49 13.38
CA GLY B 120 -3.66 28.65 14.14
C GLY B 120 -3.29 27.18 14.05
N ASP B 121 -4.04 26.37 14.80
CA ASP B 121 -3.80 24.94 14.90
C ASP B 121 -4.65 24.17 13.91
N ILE B 122 -4.09 23.08 13.40
CA ILE B 122 -4.72 22.19 12.43
C ILE B 122 -4.55 20.80 13.00
N GLY B 123 -5.63 20.01 13.03
CA GLY B 123 -5.47 18.62 13.39
C GLY B 123 -4.57 17.89 12.41
N ALA B 124 -3.93 16.83 12.90
CA ALA B 124 -3.01 16.05 12.09
C ALA B 124 -3.07 14.60 12.51
N VAL B 125 -2.99 13.69 11.55
CA VAL B 125 -3.03 12.25 11.84
C VAL B 125 -1.69 11.62 11.51
N ALA B 126 -1.15 10.87 12.46
CA ALA B 126 0.14 10.20 12.34
C ALA B 126 -0.03 8.79 11.77
N LEU B 127 -0.56 8.76 10.57
CA LEU B 127 -0.88 7.54 9.85
C LEU B 127 -0.19 7.64 8.49
N ASP B 128 0.45 6.53 8.09
CA ASP B 128 1.30 6.48 6.91
C ASP B 128 0.81 5.39 5.95
N TYR B 129 -0.05 5.78 5.02
CA TYR B 129 -0.65 4.90 4.03
C TYR B 129 -0.05 5.16 2.65
N PRO B 130 -0.23 4.24 1.71
CA PRO B 130 0.35 4.44 0.37
C PRO B 130 -0.12 5.74 -0.29
N ALA B 131 0.75 6.28 -1.17
CA ALA B 131 0.50 7.60 -1.76
C ALA B 131 -0.86 7.68 -2.44
N GLY B 132 -1.28 6.61 -3.08
CA GLY B 132 -2.57 6.54 -3.74
C GLY B 132 -3.76 6.67 -2.84
N THR B 133 -3.53 6.75 -1.52
N THR B 133 -3.55 6.74 -1.52
CA THR B 133 -4.54 6.99 -0.51
CA THR B 133 -4.63 7.01 -0.58
C THR B 133 -4.83 8.47 -0.32
C THR B 133 -4.88 8.50 -0.38
N SER B 134 -4.05 9.36 -0.93
CA SER B 134 -4.25 10.80 -0.76
C SER B 134 -5.63 11.20 -1.26
N GLY B 135 -6.32 12.04 -0.47
CA GLY B 135 -7.67 12.42 -0.73
C GLY B 135 -8.67 11.63 0.09
N SER B 136 -8.23 10.59 0.77
CA SER B 136 -9.14 9.84 1.62
C SER B 136 -9.69 10.74 2.72
N PRO B 137 -10.98 10.60 3.05
CA PRO B 137 -11.58 11.50 4.05
C PRO B 137 -11.29 11.06 5.46
N ILE B 138 -11.25 12.04 6.34
CA ILE B 138 -11.16 11.85 7.78
C ILE B 138 -12.51 12.26 8.33
N LEU B 139 -13.07 11.43 9.21
CA LEU B 139 -14.45 11.55 9.67
C LEU B 139 -14.52 11.80 11.18
N ASP B 140 -15.49 12.60 11.60
CA ASP B 140 -15.84 12.70 13.01
C ASP B 140 -16.85 11.59 13.34
N LYS B 141 -17.22 11.50 14.62
CA LYS B 141 -18.09 10.43 15.10
C LYS B 141 -19.48 10.45 14.48
N SER B 142 -19.92 11.59 13.99
CA SER B 142 -21.22 11.71 13.32
C SER B 142 -21.16 11.29 11.86
N GLY B 143 -19.98 10.92 11.36
CA GLY B 143 -19.81 10.56 9.98
C GLY B 143 -19.54 11.72 9.06
N ARG B 144 -19.38 12.94 9.58
CA ARG B 144 -19.09 14.09 8.74
C ARG B 144 -17.62 14.16 8.37
N VAL B 145 -17.34 14.62 7.16
CA VAL B 145 -15.96 14.73 6.71
C VAL B 145 -15.33 16.00 7.26
N ILE B 146 -14.30 15.84 8.10
CA ILE B 146 -13.59 16.96 8.73
C ILE B 146 -12.35 17.35 7.96
N GLY B 147 -12.02 16.65 6.88
CA GLY B 147 -10.88 17.02 6.05
C GLY B 147 -10.42 15.82 5.25
N LEU B 148 -9.41 16.07 4.42
CA LEU B 148 -8.81 15.02 3.58
C LEU B 148 -7.37 14.75 3.97
N TYR B 149 -6.96 13.50 3.77
CA TYR B 149 -5.63 12.98 4.11
C TYR B 149 -4.67 13.08 2.94
N GLY B 150 -3.44 13.52 3.24
CA GLY B 150 -2.39 13.40 2.23
C GLY B 150 -1.51 14.60 1.92
N ASN B 151 -1.64 15.65 2.71
CA ASN B 151 -0.69 16.76 2.68
C ASN B 151 -0.13 16.91 4.09
N GLY B 152 1.18 16.78 4.23
CA GLY B 152 1.75 16.67 5.54
C GLY B 152 3.25 16.89 5.59
N VAL B 153 3.88 16.32 6.62
CA VAL B 153 5.28 16.52 6.90
C VAL B 153 5.86 15.21 7.43
N VAL B 154 7.19 15.09 7.39
CA VAL B 154 7.90 13.96 7.99
C VAL B 154 8.61 14.43 9.24
N ILE B 155 8.45 13.66 10.31
CA ILE B 155 9.18 13.92 11.55
C ILE B 155 10.36 12.97 11.74
N SER B 159 8.44 9.12 10.47
CA SER B 159 7.08 8.86 10.09
C SER B 159 6.43 10.08 9.46
N TYR B 160 5.51 9.80 8.56
CA TYR B 160 4.70 10.82 7.96
C TYR B 160 3.55 11.17 8.87
N VAL B 161 3.21 12.46 8.91
CA VAL B 161 2.03 12.97 9.61
C VAL B 161 1.27 13.86 8.65
N SER B 162 -0.01 13.55 8.43
CA SER B 162 -0.86 14.30 7.50
C SER B 162 -1.64 15.37 8.24
N ALA B 163 -1.68 16.57 7.69
CA ALA B 163 -2.69 17.52 8.13
C ALA B 163 -4.07 16.92 7.88
N ILE B 164 -5.03 17.33 8.70
CA ILE B 164 -6.45 17.16 8.38
C ILE B 164 -6.85 18.41 7.60
N THR B 165 -6.84 18.29 6.25
CA THR B 165 -7.00 19.47 5.39
C THR B 165 -8.47 19.64 5.06
N GLN B 166 -9.02 20.79 5.46
CA GLN B 166 -10.41 21.12 5.21
C GLN B 166 -10.49 22.44 4.44
N GLY B 167 -11.45 22.53 3.54
CA GLY B 167 -11.71 23.72 2.78
C GLY B 167 -12.74 24.62 3.45
N LYS B 168 -13.23 25.60 2.70
CA LYS B 168 -14.17 26.59 3.20
C LYS B 168 -15.47 26.47 2.42
N ARG B 169 -16.57 26.32 3.14
CA ARG B 169 -17.90 26.29 2.54
C ARG B 169 -18.55 27.67 2.70
N ASP C 7 -8.60 -25.33 -6.47
CA ASP C 7 -9.09 -24.02 -6.08
C ASP C 7 -8.26 -22.83 -6.57
N MET C 8 -6.94 -23.00 -6.74
CA MET C 8 -6.08 -21.89 -7.18
C MET C 8 -5.33 -22.24 -8.47
N TYR C 9 -4.99 -21.21 -9.24
CA TYR C 9 -4.23 -21.37 -10.46
C TYR C 9 -3.22 -20.24 -10.54
N ILE C 10 -2.20 -20.43 -11.37
CA ILE C 10 -1.17 -19.40 -11.57
C ILE C 10 -1.29 -18.85 -12.98
N GLU C 11 -0.96 -17.56 -13.12
CA GLU C 11 -0.93 -16.94 -14.44
C GLU C 11 0.23 -15.96 -14.49
N ARG C 12 0.87 -15.90 -15.65
CA ARG C 12 2.12 -15.15 -15.78
C ARG C 12 1.85 -13.67 -15.56
N ALA C 13 2.83 -13.01 -14.91
CA ALA C 13 2.80 -11.57 -14.69
C ALA C 13 4.04 -10.83 -15.19
N GLY C 14 5.13 -11.51 -15.54
CA GLY C 14 6.26 -10.77 -16.05
C GLY C 14 7.53 -11.60 -16.03
N ASP C 15 8.55 -11.07 -16.70
CA ASP C 15 9.92 -11.51 -16.56
C ASP C 15 10.50 -10.95 -15.27
N ILE C 16 11.55 -11.60 -14.76
CA ILE C 16 12.23 -11.12 -13.56
C ILE C 16 13.52 -10.44 -13.98
N THR C 17 13.54 -9.12 -13.87
CA THR C 17 14.69 -8.32 -14.24
C THR C 17 14.75 -7.10 -13.33
N TRP C 18 15.96 -6.63 -13.11
CA TRP C 18 16.20 -5.33 -12.49
C TRP C 18 15.88 -4.25 -13.51
N GLU C 19 15.24 -3.18 -13.06
CA GLU C 19 14.90 -2.07 -13.95
C GLU C 19 15.80 -0.88 -13.60
N LYS C 20 16.60 -0.43 -14.58
CA LYS C 20 17.59 0.61 -14.31
C LYS C 20 16.96 1.95 -13.94
N ASP C 21 15.77 2.26 -14.44
CA ASP C 21 15.23 3.59 -14.13
C ASP C 21 14.04 3.48 -13.18
N ALA C 22 14.21 2.72 -12.10
CA ALA C 22 13.16 2.49 -11.14
C ALA C 22 13.12 3.58 -10.09
N GLU C 23 11.91 3.88 -9.62
CA GLU C 23 11.75 4.82 -8.52
C GLU C 23 12.35 4.20 -7.28
N VAL C 24 13.06 5.01 -6.49
CA VAL C 24 13.61 4.64 -5.19
C VAL C 24 12.69 5.21 -4.13
N THR C 25 12.33 4.39 -3.16
CA THR C 25 11.46 4.86 -2.10
C THR C 25 11.56 3.96 -0.88
N GLY C 26 10.94 4.41 0.20
CA GLY C 26 10.96 3.66 1.42
C GLY C 26 12.12 4.04 2.30
N ASN C 27 11.93 3.85 3.60
CA ASN C 27 12.97 4.02 4.59
C ASN C 27 13.65 2.68 4.88
N SER C 28 14.48 2.65 5.93
CA SER C 28 15.34 1.51 6.23
C SER C 28 15.35 1.26 7.73
N PRO C 29 14.22 0.85 8.28
CA PRO C 29 14.11 0.78 9.74
C PRO C 29 14.85 -0.42 10.31
N ARG C 30 15.37 -0.23 11.52
CA ARG C 30 16.01 -1.30 12.30
C ARG C 30 15.03 -1.62 13.42
N LEU C 31 14.36 -2.77 13.33
CA LEU C 31 13.25 -3.14 14.20
C LEU C 31 13.58 -4.42 14.95
N ASP C 32 13.27 -4.42 16.25
CA ASP C 32 13.40 -5.63 17.06
C ASP C 32 12.12 -6.45 16.93
N VAL C 33 12.25 -7.69 16.45
CA VAL C 33 11.08 -8.52 16.20
C VAL C 33 11.28 -9.92 16.75
N ALA C 34 10.17 -10.62 16.89
CA ALA C 34 10.16 -12.02 17.27
C ALA C 34 9.42 -12.82 16.21
N LEU C 35 9.89 -14.03 15.95
CA LEU C 35 9.27 -14.94 15.00
C LEU C 35 8.72 -16.12 15.76
N ASP C 36 7.40 -16.30 15.74
CA ASP C 36 6.76 -17.38 16.50
C ASP C 36 6.76 -18.69 15.69
N GLU C 37 6.36 -19.77 16.36
CA GLU C 37 6.40 -21.09 15.72
C GLU C 37 5.43 -21.19 14.55
N SER C 38 4.44 -20.31 14.47
CA SER C 38 3.55 -20.28 13.33
C SER C 38 4.09 -19.47 12.16
N GLY C 39 5.30 -18.93 12.28
CA GLY C 39 5.90 -18.16 11.20
C GLY C 39 5.42 -16.73 11.15
N ASP C 40 4.89 -16.22 12.24
CA ASP C 40 4.43 -14.84 12.29
C ASP C 40 5.44 -13.97 13.02
N PHE C 41 5.74 -12.80 12.45
CA PHE C 41 6.58 -11.80 13.10
C PHE C 41 5.72 -10.88 13.95
N SER C 42 6.29 -10.45 15.07
CA SER C 42 5.67 -9.42 15.91
C SER C 42 6.76 -8.46 16.36
N LEU C 43 6.35 -7.22 16.67
CA LEU C 43 7.27 -6.27 17.26
C LEU C 43 7.49 -6.60 18.73
N VAL C 44 8.73 -6.54 19.17
CA VAL C 44 9.04 -6.77 20.57
C VAL C 44 8.66 -5.56 21.39
N GLU C 45 8.14 -5.79 22.59
CA GLU C 45 7.83 -4.72 23.52
C GLU C 45 9.01 -4.57 24.48
N VAL D 12 7.26 -26.84 -27.56
CA VAL D 12 8.47 -26.09 -27.26
C VAL D 12 9.73 -26.96 -27.40
N LYS D 13 10.89 -26.32 -27.33
CA LYS D 13 12.14 -27.06 -27.39
C LYS D 13 12.35 -27.81 -26.08
N LYS D 14 13.09 -28.92 -26.17
CA LYS D 14 13.39 -29.68 -24.97
C LYS D 14 14.27 -28.83 -24.03
N GLY D 15 13.81 -28.70 -22.79
CA GLY D 15 14.47 -27.88 -21.80
C GLY D 15 13.94 -26.47 -21.66
N GLU D 16 12.98 -26.05 -22.49
CA GLU D 16 12.47 -24.67 -22.43
C GLU D 16 11.43 -24.55 -21.31
N THR D 17 11.85 -23.99 -20.17
CA THR D 17 10.94 -23.78 -19.04
C THR D 17 10.29 -22.40 -19.12
N THR D 18 9.40 -22.13 -18.16
CA THR D 18 8.58 -20.93 -18.17
C THR D 18 8.95 -19.98 -17.04
N ASP D 19 10.23 -19.58 -16.96
CA ASP D 19 10.71 -18.69 -15.90
C ASP D 19 9.92 -17.39 -15.89
N GLY D 20 9.66 -16.88 -14.70
CA GLY D 20 9.11 -15.55 -14.54
C GLY D 20 8.34 -15.46 -13.24
N VAL D 21 7.65 -14.33 -13.07
CA VAL D 21 6.80 -14.09 -11.91
C VAL D 21 5.36 -14.33 -12.31
N TYR D 22 4.58 -14.91 -11.40
CA TYR D 22 3.22 -15.34 -11.66
C TYR D 22 2.31 -14.87 -10.54
N ARG D 23 1.07 -14.55 -10.90
CA ARG D 23 0.01 -14.33 -9.93
C ARG D 23 -0.58 -15.67 -9.51
N VAL D 24 -0.90 -15.79 -8.21
CA VAL D 24 -1.67 -16.90 -7.68
C VAL D 24 -3.10 -16.44 -7.47
N MET D 25 -4.03 -17.08 -8.20
CA MET D 25 -5.41 -16.62 -8.28
C MET D 25 -6.36 -17.69 -7.77
N THR D 26 -7.49 -17.26 -7.20
CA THR D 26 -8.54 -18.23 -6.91
C THR D 26 -9.44 -18.36 -8.15
N ARG D 27 -10.14 -19.49 -8.24
CA ARG D 27 -10.99 -19.66 -9.41
C ARG D 27 -12.28 -18.84 -9.25
N ARG D 28 -13.01 -18.71 -10.36
CA ARG D 28 -14.18 -17.84 -10.40
C ARG D 28 -15.11 -18.07 -9.22
N LEU D 29 -15.21 -19.32 -8.75
CA LEU D 29 -16.10 -19.67 -7.64
C LEU D 29 -15.89 -18.79 -6.41
N LEU D 30 -14.67 -18.29 -6.20
CA LEU D 30 -14.31 -17.58 -4.98
C LEU D 30 -14.16 -16.08 -5.20
N GLY D 31 -14.34 -15.62 -6.43
CA GLY D 31 -14.18 -14.21 -6.76
C GLY D 31 -13.08 -13.95 -7.76
N SER D 32 -12.31 -14.97 -8.14
CA SER D 32 -11.12 -14.77 -8.97
C SER D 32 -10.21 -13.69 -8.37
N THR D 33 -9.92 -13.85 -7.08
CA THR D 33 -9.09 -12.92 -6.34
C THR D 33 -7.63 -13.31 -6.51
N GLN D 34 -6.76 -12.31 -6.54
CA GLN D 34 -5.34 -12.58 -6.43
C GLN D 34 -4.98 -12.75 -4.95
N VAL D 35 -4.57 -13.95 -4.56
CA VAL D 35 -4.17 -14.20 -3.17
C VAL D 35 -2.67 -14.10 -2.97
N GLY D 36 -1.89 -14.17 -4.03
CA GLY D 36 -0.47 -14.00 -3.90
C GLY D 36 0.22 -14.07 -5.24
N VAL D 37 1.52 -14.32 -5.15
CA VAL D 37 2.47 -14.23 -6.24
C VAL D 37 3.52 -15.30 -6.00
N GLY D 38 4.21 -15.71 -7.07
CA GLY D 38 5.38 -16.52 -6.89
C GLY D 38 6.31 -16.48 -8.09
N VAL D 39 7.43 -17.18 -7.93
CA VAL D 39 8.55 -17.17 -8.85
C VAL D 39 8.68 -18.56 -9.45
N MET D 40 8.60 -18.65 -10.77
CA MET D 40 8.95 -19.87 -11.49
C MET D 40 10.40 -19.73 -11.93
N GLN D 41 11.25 -20.64 -11.45
CA GLN D 41 12.66 -20.63 -11.84
C GLN D 41 13.15 -22.06 -11.84
N GLU D 42 13.82 -22.46 -12.91
CA GLU D 42 14.42 -23.78 -13.00
C GLU D 42 13.39 -24.88 -12.79
N GLY D 43 12.18 -24.66 -13.32
CA GLY D 43 11.11 -25.63 -13.29
C GLY D 43 10.41 -25.77 -11.96
N VAL D 44 10.70 -24.88 -11.02
CA VAL D 44 10.13 -24.94 -9.68
C VAL D 44 9.37 -23.65 -9.42
N PHE D 45 8.18 -23.78 -8.80
CA PHE D 45 7.40 -22.62 -8.39
C PHE D 45 7.59 -22.34 -6.90
N HIS D 46 7.98 -21.10 -6.60
CA HIS D 46 8.34 -20.68 -5.25
C HIS D 46 7.34 -19.65 -4.77
N THR D 47 6.73 -19.87 -3.60
CA THR D 47 5.82 -18.88 -3.04
C THR D 47 5.87 -18.94 -1.53
N MET D 48 5.07 -18.09 -0.88
CA MET D 48 5.01 -18.09 0.59
C MET D 48 3.92 -19.06 1.04
N TRP D 49 4.20 -19.79 2.12
CA TRP D 49 3.23 -20.78 2.59
C TRP D 49 1.86 -20.16 2.83
N HIS D 50 1.81 -18.97 3.43
CA HIS D 50 0.52 -18.37 3.76
C HIS D 50 -0.33 -18.04 2.54
N VAL D 51 0.28 -17.96 1.36
CA VAL D 51 -0.49 -17.71 0.14
C VAL D 51 -1.33 -18.92 -0.24
N THR D 52 -0.69 -20.10 -0.37
CA THR D 52 -1.40 -21.29 -0.84
C THR D 52 -1.74 -22.29 0.25
N LYS D 53 -1.14 -22.16 1.43
CA LYS D 53 -1.28 -23.16 2.47
C LYS D 53 -0.87 -24.54 1.96
N GLY D 54 0.02 -24.56 0.96
CA GLY D 54 0.50 -25.81 0.41
C GLY D 54 -0.47 -26.54 -0.49
N ALA D 55 -1.57 -25.90 -0.86
CA ALA D 55 -2.55 -26.55 -1.72
C ALA D 55 -2.01 -26.69 -3.13
N ALA D 56 -2.53 -27.67 -3.85
CA ALA D 56 -2.16 -27.85 -5.24
C ALA D 56 -2.59 -26.65 -6.08
N LEU D 57 -1.88 -26.42 -7.18
CA LEU D 57 -2.11 -25.30 -8.07
C LEU D 57 -2.31 -25.79 -9.49
N ARG D 58 -3.21 -25.14 -10.23
CA ARG D 58 -3.38 -25.41 -11.64
C ARG D 58 -2.49 -24.47 -12.44
N SER D 59 -1.86 -25.02 -13.48
CA SER D 59 -1.05 -24.23 -14.41
C SER D 59 -1.45 -24.67 -15.81
N GLY D 60 -2.33 -23.89 -16.43
CA GLY D 60 -2.90 -24.34 -17.68
C GLY D 60 -3.72 -25.59 -17.42
N GLU D 61 -3.42 -26.65 -18.16
CA GLU D 61 -4.06 -27.94 -17.95
C GLU D 61 -3.33 -28.79 -16.92
N GLY D 62 -2.15 -28.36 -16.45
CA GLY D 62 -1.36 -29.15 -15.52
C GLY D 62 -1.67 -28.86 -14.07
N ARG D 63 -1.11 -29.70 -13.21
CA ARG D 63 -1.24 -29.59 -11.77
C ARG D 63 0.15 -29.50 -11.17
N LEU D 64 0.33 -28.55 -10.27
CA LEU D 64 1.58 -28.40 -9.52
C LEU D 64 1.35 -28.83 -8.07
N ASP D 65 2.17 -29.75 -7.60
CA ASP D 65 2.06 -30.28 -6.25
C ASP D 65 3.22 -29.79 -5.39
N PRO D 66 2.99 -29.56 -4.11
CA PRO D 66 4.08 -29.12 -3.25
C PRO D 66 5.15 -30.19 -3.16
N TYR D 67 6.37 -29.72 -3.03
CA TYR D 67 7.54 -30.56 -2.89
C TYR D 67 8.29 -30.34 -1.58
N TRP D 68 8.43 -29.09 -1.16
CA TRP D 68 9.09 -28.77 0.09
C TRP D 68 8.32 -27.62 0.70
N GLY D 69 8.22 -27.60 2.02
CA GLY D 69 7.63 -26.44 2.65
C GLY D 69 8.00 -26.37 4.11
N ASP D 70 7.87 -25.16 4.68
CA ASP D 70 8.18 -24.92 6.08
C ASP D 70 7.35 -23.74 6.57
N VAL D 71 6.43 -24.01 7.48
CA VAL D 71 5.53 -23.00 8.03
C VAL D 71 6.30 -21.89 8.74
N LYS D 72 7.35 -22.24 9.46
CA LYS D 72 8.00 -21.17 10.23
C LYS D 72 8.74 -20.19 9.31
N GLN D 73 9.42 -20.71 8.28
CA GLN D 73 10.01 -19.84 7.28
C GLN D 73 8.97 -19.20 6.40
N ASP D 74 7.75 -19.75 6.37
CA ASP D 74 6.64 -19.25 5.54
C ASP D 74 6.94 -19.40 4.05
N LEU D 75 7.50 -20.53 3.65
CA LEU D 75 7.84 -20.78 2.27
C LEU D 75 7.40 -22.16 1.82
N VAL D 76 7.15 -22.27 0.51
CA VAL D 76 6.81 -23.55 -0.14
C VAL D 76 7.35 -23.55 -1.55
N SER D 77 7.84 -24.71 -2.00
CA SER D 77 8.18 -24.91 -3.39
C SER D 77 7.32 -26.03 -3.97
N TYR D 78 7.05 -25.91 -5.26
CA TYR D 78 6.28 -26.86 -6.03
C TYR D 78 7.13 -27.40 -7.17
N CYS D 79 7.01 -28.70 -7.43
CA CYS D 79 7.62 -29.42 -8.55
C CYS D 79 9.07 -29.79 -8.34
N GLY D 80 9.71 -29.29 -7.31
CA GLY D 80 11.10 -29.53 -7.11
C GLY D 80 11.58 -28.76 -5.92
N PRO D 81 12.85 -28.89 -5.60
CA PRO D 81 13.36 -28.23 -4.40
C PRO D 81 13.54 -26.74 -4.63
N TRP D 82 13.59 -26.01 -3.52
CA TRP D 82 13.81 -24.58 -3.53
C TRP D 82 15.11 -24.26 -4.27
N LYS D 83 15.04 -23.35 -5.26
CA LYS D 83 16.15 -23.07 -6.14
C LYS D 83 16.82 -21.73 -5.88
N LEU D 84 16.18 -20.85 -5.11
CA LEU D 84 16.65 -19.47 -4.97
C LEU D 84 17.62 -19.35 -3.79
N ASP D 85 18.86 -18.97 -4.06
CA ASP D 85 19.82 -18.91 -2.97
C ASP D 85 20.65 -17.63 -2.92
N ALA D 86 20.34 -16.64 -3.74
CA ALA D 86 21.05 -15.38 -3.62
C ALA D 86 20.65 -14.71 -2.32
N ALA D 87 21.59 -13.98 -1.74
CA ALA D 87 21.36 -13.29 -0.47
C ALA D 87 21.56 -11.80 -0.63
N TRP D 88 20.76 -11.01 0.10
CA TRP D 88 21.08 -9.60 0.22
C TRP D 88 22.49 -9.45 0.77
N ASP D 89 23.28 -8.55 0.17
CA ASP D 89 24.65 -8.35 0.59
C ASP D 89 24.78 -7.47 1.82
N GLY D 90 23.66 -6.99 2.39
CA GLY D 90 23.67 -6.15 3.57
C GLY D 90 24.02 -4.71 3.33
N LEU D 91 24.24 -4.30 2.09
CA LEU D 91 24.85 -3.03 1.77
C LEU D 91 24.14 -2.29 0.64
N SER D 92 23.73 -3.02 -0.38
CA SER D 92 23.22 -2.43 -1.61
C SER D 92 21.71 -2.27 -1.59
N GLU D 93 21.24 -1.32 -2.40
CA GLU D 93 19.82 -1.24 -2.68
C GLU D 93 19.35 -2.46 -3.44
N VAL D 94 18.05 -2.75 -3.29
CA VAL D 94 17.40 -3.91 -3.89
C VAL D 94 16.16 -3.39 -4.61
N GLN D 95 15.52 -4.27 -5.40
CA GLN D 95 14.25 -3.93 -6.01
C GLN D 95 13.19 -4.96 -5.65
N LEU D 96 12.04 -4.48 -5.20
CA LEU D 96 10.84 -5.30 -5.13
C LEU D 96 10.20 -5.30 -6.52
N LEU D 97 10.06 -6.48 -7.11
CA LEU D 97 9.25 -6.62 -8.32
C LEU D 97 7.83 -6.88 -7.85
N ALA D 98 7.13 -5.79 -7.54
CA ALA D 98 5.80 -5.90 -6.97
C ALA D 98 4.80 -6.28 -8.03
N VAL D 99 3.98 -7.29 -7.73
CA VAL D 99 2.90 -7.72 -8.60
C VAL D 99 1.60 -7.52 -7.82
N PRO D 100 1.10 -6.29 -7.75
CA PRO D 100 -0.09 -6.05 -6.95
C PRO D 100 -1.34 -6.56 -7.64
N PRO D 101 -2.35 -6.97 -6.87
CA PRO D 101 -3.64 -7.31 -7.49
C PRO D 101 -4.13 -6.20 -8.40
N GLY D 102 -4.52 -6.58 -9.62
CA GLY D 102 -5.13 -5.68 -10.57
C GLY D 102 -4.20 -4.68 -11.21
N GLU D 103 -2.90 -4.81 -11.00
CA GLU D 103 -1.95 -3.86 -11.55
C GLU D 103 -0.81 -4.60 -12.22
N ARG D 104 -0.25 -3.98 -13.25
CA ARG D 104 0.92 -4.52 -13.90
C ARG D 104 2.10 -4.54 -12.95
N ALA D 105 2.95 -5.55 -13.12
CA ALA D 105 4.17 -5.66 -12.33
C ALA D 105 5.03 -4.42 -12.48
N LYS D 106 5.63 -4.00 -11.38
CA LYS D 106 6.49 -2.82 -11.38
C LYS D 106 7.64 -3.00 -10.42
N ASN D 107 8.78 -2.39 -10.74
CA ASN D 107 9.96 -2.46 -9.91
C ASN D 107 10.07 -1.24 -9.01
N ILE D 108 10.28 -1.48 -7.72
CA ILE D 108 10.42 -0.42 -6.73
C ILE D 108 11.78 -0.63 -6.05
N GLN D 109 12.66 0.36 -6.14
CA GLN D 109 13.98 0.27 -5.54
C GLN D 109 13.97 0.84 -4.13
N THR D 110 14.79 0.23 -3.25
CA THR D 110 14.79 0.64 -1.85
C THR D 110 16.06 0.12 -1.19
N LEU D 111 16.45 0.79 -0.09
CA LEU D 111 17.48 0.22 0.78
C LEU D 111 16.82 -0.51 1.92
N PRO D 112 17.02 -1.81 2.09
CA PRO D 112 16.38 -2.50 3.22
C PRO D 112 16.81 -1.94 4.55
N GLY D 113 15.90 -2.02 5.51
CA GLY D 113 16.24 -2.00 6.92
C GLY D 113 16.51 -3.41 7.41
N ILE D 114 16.34 -3.60 8.71
CA ILE D 114 16.79 -4.81 9.37
C ILE D 114 15.74 -5.25 10.37
N PHE D 115 15.37 -6.54 10.34
CA PHE D 115 14.68 -7.20 11.44
C PHE D 115 15.76 -7.81 12.36
N LYS D 116 15.86 -7.32 13.59
CA LYS D 116 16.78 -7.87 14.58
C LYS D 116 16.02 -8.87 15.42
N THR D 117 16.47 -10.13 15.42
CA THR D 117 15.82 -11.17 16.19
C THR D 117 16.86 -11.84 17.08
N LYS D 118 16.37 -12.60 18.06
CA LYS D 118 17.25 -13.33 18.97
C LYS D 118 18.18 -14.28 18.23
N ASP D 119 17.87 -14.62 16.98
CA ASP D 119 18.62 -15.60 16.21
C ASP D 119 19.42 -14.96 15.09
N GLY D 120 19.44 -13.63 15.02
CA GLY D 120 20.22 -12.92 14.04
C GLY D 120 19.37 -11.95 13.27
N ASP D 121 20.02 -11.27 12.34
CA ASP D 121 19.40 -10.19 11.60
C ASP D 121 18.97 -10.68 10.22
N ILE D 122 17.88 -10.09 9.73
CA ILE D 122 17.31 -10.35 8.41
C ILE D 122 17.05 -8.99 7.77
N GLY D 123 17.39 -8.84 6.50
CA GLY D 123 16.96 -7.66 5.78
C GLY D 123 15.45 -7.56 5.72
N ALA D 124 14.95 -6.33 5.63
CA ALA D 124 13.52 -6.08 5.59
C ALA D 124 13.27 -4.85 4.72
N VAL D 125 12.19 -4.87 3.94
CA VAL D 125 11.85 -3.77 3.07
C VAL D 125 10.61 -3.05 3.58
N ALA D 126 10.71 -1.72 3.69
CA ALA D 126 9.64 -0.85 4.18
C ALA D 126 8.84 -0.35 2.97
N LEU D 127 8.11 -1.30 2.39
CA LEU D 127 7.28 -1.07 1.22
C LEU D 127 5.92 -1.70 1.50
N ASP D 128 4.87 -0.94 1.25
CA ASP D 128 3.51 -1.29 1.67
C ASP D 128 2.63 -1.52 0.46
N TYR D 129 2.32 -2.79 0.20
CA TYR D 129 1.44 -3.25 -0.87
C TYR D 129 0.39 -4.17 -0.29
N PRO D 130 -0.73 -4.36 -1.00
CA PRO D 130 -1.77 -5.25 -0.48
C PRO D 130 -1.26 -6.65 -0.22
N ALA D 131 -1.97 -7.33 0.68
CA ALA D 131 -1.57 -8.69 1.08
C ALA D 131 -1.45 -9.63 -0.10
N GLY D 132 -2.26 -9.47 -1.13
CA GLY D 132 -2.17 -10.32 -2.30
C GLY D 132 -0.94 -10.13 -3.16
N THR D 133 -0.06 -9.19 -2.79
CA THR D 133 1.26 -9.02 -3.38
C THR D 133 2.26 -10.01 -2.78
N SER D 134 1.88 -10.69 -1.70
CA SER D 134 2.75 -11.66 -1.05
C SER D 134 3.29 -12.69 -2.03
N GLY D 135 4.59 -12.95 -1.93
CA GLY D 135 5.30 -13.80 -2.85
C GLY D 135 6.01 -13.07 -3.96
N SER D 136 5.82 -11.77 -4.07
CA SER D 136 6.57 -11.03 -5.07
C SER D 136 8.06 -11.08 -4.77
N PRO D 137 8.91 -11.20 -5.77
CA PRO D 137 10.35 -11.33 -5.50
C PRO D 137 11.04 -10.00 -5.26
N ILE D 138 12.07 -10.08 -4.43
CA ILE D 138 13.02 -9.01 -4.17
C ILE D 138 14.31 -9.40 -4.86
N LEU D 139 14.93 -8.43 -5.58
CA LEU D 139 16.02 -8.70 -6.49
C LEU D 139 17.27 -7.91 -6.11
N ASP D 140 18.44 -8.51 -6.37
CA ASP D 140 19.70 -7.79 -6.35
C ASP D 140 19.98 -7.18 -7.73
N LYS D 141 21.08 -6.43 -7.83
CA LYS D 141 21.36 -5.69 -9.05
C LYS D 141 21.64 -6.59 -10.25
N SER D 142 22.01 -7.85 -10.02
CA SER D 142 22.19 -8.78 -11.13
C SER D 142 20.89 -9.47 -11.53
N GLY D 143 19.76 -9.11 -10.93
CA GLY D 143 18.48 -9.69 -11.28
C GLY D 143 18.15 -10.97 -10.55
N ARG D 144 18.96 -11.36 -9.58
CA ARG D 144 18.72 -12.60 -8.86
C ARG D 144 17.73 -12.37 -7.73
N VAL D 145 16.90 -13.38 -7.46
CA VAL D 145 15.92 -13.30 -6.40
C VAL D 145 16.59 -13.56 -5.05
N ILE D 146 16.63 -12.54 -4.20
CA ILE D 146 17.22 -12.63 -2.87
C ILE D 146 16.19 -12.94 -1.80
N GLY D 147 14.92 -13.00 -2.15
CA GLY D 147 13.89 -13.42 -1.22
C GLY D 147 12.53 -13.02 -1.74
N LEU D 148 11.50 -13.39 -0.99
CA LEU D 148 10.12 -13.07 -1.31
C LEU D 148 9.53 -12.12 -0.27
N TYR D 149 8.63 -11.25 -0.74
CA TYR D 149 7.93 -10.23 0.04
C TYR D 149 6.64 -10.76 0.60
N GLY D 150 6.34 -10.40 1.85
CA GLY D 150 5.03 -10.66 2.37
C GLY D 150 4.89 -11.34 3.72
N ASN D 151 5.99 -11.58 4.42
CA ASN D 151 5.94 -11.98 5.83
C ASN D 151 6.65 -10.91 6.63
N GLY D 152 5.90 -10.21 7.48
CA GLY D 152 6.45 -9.04 8.13
C GLY D 152 5.59 -8.53 9.26
N VAL D 153 5.63 -7.22 9.49
CA VAL D 153 4.94 -6.59 10.61
C VAL D 153 4.27 -5.30 10.16
N VAL D 154 3.11 -5.02 10.73
CA VAL D 154 2.47 -3.71 10.64
C VAL D 154 3.01 -2.87 11.78
N ILE D 155 3.45 -1.66 11.48
CA ILE D 155 4.01 -0.78 12.48
C ILE D 155 2.98 0.25 12.95
N LYS D 156 3.35 1.07 13.93
CA LYS D 156 2.36 1.82 14.68
C LYS D 156 1.63 2.85 13.83
N ASN D 157 2.27 3.37 12.77
CA ASN D 157 1.63 4.35 11.92
C ASN D 157 0.77 3.73 10.83
N GLY D 158 0.59 2.40 10.86
CA GLY D 158 -0.29 1.71 9.96
C GLY D 158 0.40 1.16 8.75
N SER D 159 1.68 1.50 8.52
N SER D 159 1.68 1.50 8.53
CA SER D 159 2.43 0.99 7.39
CA SER D 159 2.44 0.98 7.40
C SER D 159 2.90 -0.44 7.65
C SER D 159 2.99 -0.41 7.70
N TYR D 160 3.72 -0.97 6.74
CA TYR D 160 4.10 -2.37 6.76
C TYR D 160 5.57 -2.49 6.40
N VAL D 161 6.22 -3.46 7.04
CA VAL D 161 7.62 -3.77 6.75
C VAL D 161 7.71 -5.28 6.58
N SER D 162 8.25 -5.72 5.44
CA SER D 162 8.38 -7.13 5.13
C SER D 162 9.79 -7.63 5.33
N ALA D 163 9.93 -8.81 5.91
CA ALA D 163 11.21 -9.48 5.84
C ALA D 163 11.55 -9.77 4.38
N ILE D 164 12.83 -9.85 4.09
CA ILE D 164 13.32 -10.47 2.84
C ILE D 164 13.46 -11.95 3.16
N THR D 165 12.44 -12.77 2.80
CA THR D 165 12.40 -14.17 3.21
C THR D 165 13.03 -15.02 2.12
N GLN D 166 14.12 -15.72 2.44
CA GLN D 166 14.80 -16.57 1.49
C GLN D 166 14.94 -17.98 2.05
N GLY D 167 14.86 -18.95 1.15
CA GLY D 167 15.03 -20.35 1.49
C GLY D 167 16.47 -20.80 1.27
N LYS D 168 16.64 -22.10 1.31
CA LYS D 168 17.95 -22.71 1.15
C LYS D 168 17.91 -23.58 -0.08
N ARG D 169 18.96 -23.50 -0.87
CA ARG D 169 19.16 -24.41 -1.98
C ARG D 169 20.04 -25.55 -1.48
N GLU D 170 19.52 -26.76 -1.51
CA GLU D 170 20.28 -27.90 -0.98
C GLU D 170 21.49 -28.20 -1.85
#